data_6BQO
#
_entry.id   6BQO
#
_cell.length_a   114.920
_cell.length_b   39.850
_cell.length_c   109.870
_cell.angle_alpha   90.00
_cell.angle_beta   107.39
_cell.angle_gamma   90.00
#
_symmetry.space_group_name_H-M   'C 1 2 1'
#
loop_
_entity.id
_entity.type
_entity.pdbx_description
1 polymer 'Fluoride ion transporter CrcB'
2 polymer 'Monobody S8'
3 non-polymer 'FLUORIDE ION'
4 non-polymer 'SODIUM ION'
5 non-polymer '(2R)-2,3-dihydroxypropyl (9Z)-octadec-9-enoate'
6 water water
#
loop_
_entity_poly.entity_id
_entity_poly.type
_entity_poly.pdbx_seq_one_letter_code
_entity_poly.pdbx_strand_id
1 'polypeptide(L)'
;MLTYAPLNFIAIGIGATLGAWLRWVLGLKLNGAGWPWGTLTANLVGGYLIGVMVALIASHPEWPAWIRLAAVTGFLGGLT
TFSTFSAETVDMLCRGVYATAAAYAGASLAGSLAMTGLGLATVRLLLR
;
A,B
2 'polypeptide(L)'
;SSVPTKLEVVAATPTSLLISWDAPAVTVDHYVITYGETGAYWSYQEFTVPGSKSTATISGLKPGVDYTITVYANPYSDAP
IYYSYHSPISINYRT
;
C
#
# COMPACT_ATOMS: atom_id res chain seq x y z
N THR A 3 14.20 -17.71 -21.18
CA THR A 3 14.81 -17.77 -22.51
C THR A 3 14.60 -16.47 -23.29
N TYR A 4 13.93 -15.50 -22.67
CA TYR A 4 13.64 -14.21 -23.31
C TYR A 4 12.77 -14.36 -24.54
N ALA A 5 11.96 -15.41 -24.58
CA ALA A 5 11.14 -15.67 -25.75
C ALA A 5 9.99 -14.66 -25.84
N PRO A 6 9.54 -14.33 -27.06
CA PRO A 6 8.43 -13.39 -27.19
C PRO A 6 7.16 -13.86 -26.50
N LEU A 7 6.91 -15.17 -26.50
CA LEU A 7 5.76 -15.70 -25.78
C LEU A 7 5.91 -15.55 -24.27
N ASN A 8 7.13 -15.36 -23.79
CA ASN A 8 7.34 -15.13 -22.36
C ASN A 8 6.85 -13.75 -21.96
N PHE A 9 7.26 -12.71 -22.70
CA PHE A 9 6.78 -11.36 -22.41
C PHE A 9 5.27 -11.28 -22.53
N ILE A 10 4.66 -12.12 -23.36
CA ILE A 10 3.22 -12.07 -23.54
C ILE A 10 2.49 -12.68 -22.35
N ALA A 11 3.14 -13.59 -21.61
CA ALA A 11 2.49 -14.17 -20.44
C ALA A 11 2.65 -13.27 -19.22
N ILE A 12 3.73 -12.51 -19.14
CA ILE A 12 3.91 -11.57 -18.05
C ILE A 12 2.93 -10.41 -18.17
N GLY A 13 2.96 -9.73 -19.32
CA GLY A 13 2.06 -8.60 -19.53
C GLY A 13 0.60 -8.98 -19.33
N ILE A 14 0.16 -10.09 -19.94
CA ILE A 14 -1.22 -10.53 -19.77
C ILE A 14 -1.50 -10.90 -18.32
N GLY A 15 -0.49 -11.43 -17.61
CA GLY A 15 -0.69 -11.79 -16.22
C GLY A 15 -0.76 -10.58 -15.31
N ALA A 16 0.23 -9.70 -15.42
CA ALA A 16 0.25 -8.50 -14.59
C ALA A 16 -0.96 -7.61 -14.87
N THR A 17 -1.35 -7.50 -16.13
CA THR A 17 -2.49 -6.65 -16.48
C THR A 17 -3.75 -7.09 -15.73
N LEU A 18 -4.00 -8.40 -15.67
CA LEU A 18 -5.17 -8.89 -14.95
C LEU A 18 -5.01 -8.69 -13.45
N GLY A 19 -3.89 -9.15 -12.89
CA GLY A 19 -3.69 -9.01 -11.45
C GLY A 19 -3.78 -7.57 -10.98
N ALA A 20 -3.14 -6.66 -11.72
CA ALA A 20 -3.22 -5.25 -11.38
C ALA A 20 -4.67 -4.79 -11.32
N TRP A 21 -5.42 -5.03 -12.41
CA TRP A 21 -6.82 -4.61 -12.44
C TRP A 21 -7.56 -5.09 -11.20
N LEU A 22 -7.40 -6.37 -10.85
CA LEU A 22 -8.10 -6.89 -9.68
C LEU A 22 -7.66 -6.18 -8.41
N ARG A 23 -6.36 -5.90 -8.28
CA ARG A 23 -5.87 -5.17 -7.12
C ARG A 23 -6.46 -3.77 -7.07
N TRP A 24 -6.47 -3.08 -8.22
CA TRP A 24 -7.04 -1.75 -8.29
C TRP A 24 -8.49 -1.74 -7.79
N VAL A 25 -9.34 -2.60 -8.37
CA VAL A 25 -10.75 -2.62 -7.99
C VAL A 25 -10.91 -2.97 -6.51
N LEU A 26 -10.07 -3.87 -6.01
CA LEU A 26 -10.13 -4.20 -4.59
C LEU A 26 -9.84 -2.98 -3.74
N GLY A 27 -8.84 -2.18 -4.12
CA GLY A 27 -8.55 -0.97 -3.38
C GLY A 27 -9.68 0.03 -3.43
N LEU A 28 -10.28 0.21 -4.61
CA LEU A 28 -11.39 1.15 -4.75
C LEU A 28 -12.55 0.77 -3.84
N LYS A 29 -13.02 -0.47 -3.93
CA LYS A 29 -14.24 -0.86 -3.25
C LYS A 29 -14.02 -1.27 -1.80
N LEU A 30 -12.80 -1.65 -1.43
CA LEU A 30 -12.54 -2.23 -0.11
C LEU A 30 -11.75 -1.34 0.83
N ASN A 31 -10.77 -0.58 0.32
CA ASN A 31 -9.93 0.23 1.19
C ASN A 31 -10.77 1.12 2.09
N GLY A 32 -10.94 0.69 3.35
CA GLY A 32 -11.88 1.32 4.26
C GLY A 32 -11.49 2.68 4.79
N ALA A 33 -12.09 3.07 5.92
CA ALA A 33 -11.91 4.40 6.49
C ALA A 33 -10.70 4.49 7.40
N GLY A 34 -10.25 3.39 7.99
CA GLY A 34 -9.09 3.42 8.86
C GLY A 34 -8.16 2.25 8.65
N TRP A 35 -8.46 1.40 7.67
CA TRP A 35 -7.71 0.19 7.45
C TRP A 35 -7.73 -0.17 5.96
N PRO A 36 -6.56 -0.31 5.32
CA PRO A 36 -6.53 -0.60 3.88
C PRO A 36 -6.94 -2.04 3.57
N TRP A 37 -8.23 -2.34 3.65
CA TRP A 37 -8.70 -3.69 3.37
C TRP A 37 -8.46 -4.08 1.92
N GLY A 38 -8.44 -3.10 1.01
CA GLY A 38 -8.26 -3.43 -0.40
C GLY A 38 -6.91 -4.05 -0.69
N THR A 39 -5.83 -3.41 -0.25
CA THR A 39 -4.50 -3.93 -0.53
C THR A 39 -4.15 -5.09 0.38
N LEU A 40 -4.61 -5.07 1.63
CA LEU A 40 -4.39 -6.21 2.52
C LEU A 40 -5.04 -7.47 1.96
N THR A 41 -6.25 -7.33 1.41
CA THR A 41 -6.91 -8.48 0.80
C THR A 41 -6.09 -9.03 -0.36
N ALA A 42 -5.65 -8.15 -1.26
CA ALA A 42 -4.85 -8.60 -2.40
C ALA A 42 -3.55 -9.23 -1.95
N ASN A 43 -3.01 -8.82 -0.80
CA ASN A 43 -1.75 -9.36 -0.32
C ASN A 43 -1.94 -10.72 0.35
N LEU A 44 -2.94 -10.82 1.24
CA LEU A 44 -3.21 -12.11 1.89
C LEU A 44 -3.64 -13.15 0.87
N VAL A 45 -4.63 -12.82 0.04
CA VAL A 45 -5.06 -13.74 -1.02
C VAL A 45 -3.87 -14.11 -1.89
N GLY A 46 -3.17 -13.10 -2.42
CA GLY A 46 -1.98 -13.37 -3.22
C GLY A 46 -0.93 -14.16 -2.46
N GLY A 47 -0.86 -13.96 -1.14
CA GLY A 47 0.07 -14.75 -0.34
C GLY A 47 -0.36 -16.20 -0.23
N TYR A 48 -1.66 -16.43 -0.13
CA TYR A 48 -2.16 -17.81 -0.05
C TYR A 48 -2.06 -18.51 -1.40
N LEU A 49 -2.29 -17.77 -2.49
CA LEU A 49 -2.28 -18.40 -3.81
C LEU A 49 -0.87 -18.72 -4.30
N ILE A 50 0.16 -18.08 -3.74
CA ILE A 50 1.52 -18.40 -4.16
C ILE A 50 2.00 -19.67 -3.46
N GLY A 51 1.55 -19.91 -2.22
CA GLY A 51 1.86 -21.17 -1.58
C GLY A 51 1.25 -22.36 -2.30
N VAL A 52 0.12 -22.15 -2.96
CA VAL A 52 -0.48 -23.22 -3.75
C VAL A 52 0.26 -23.39 -5.07
N MET A 53 0.57 -22.28 -5.75
CA MET A 53 1.25 -22.37 -7.04
C MET A 53 2.66 -22.95 -6.88
N VAL A 54 3.42 -22.46 -5.91
CA VAL A 54 4.78 -22.96 -5.71
C VAL A 54 4.75 -24.46 -5.41
N ALA A 55 3.94 -24.86 -4.42
CA ALA A 55 3.78 -26.27 -4.12
C ALA A 55 3.22 -27.03 -5.31
N LEU A 56 2.37 -26.38 -6.12
CA LEU A 56 1.79 -27.06 -7.28
C LEU A 56 2.81 -27.20 -8.40
N ILE A 57 3.63 -26.17 -8.62
CA ILE A 57 4.68 -26.25 -9.63
C ILE A 57 5.78 -27.22 -9.22
N ALA A 58 5.87 -27.55 -7.93
CA ALA A 58 6.90 -28.48 -7.47
C ALA A 58 6.58 -29.91 -7.90
N SER A 59 5.32 -30.32 -7.75
CA SER A 59 4.92 -31.67 -8.08
C SER A 59 4.50 -31.85 -9.54
N HIS A 60 4.52 -30.79 -10.34
CA HIS A 60 4.20 -30.85 -11.77
C HIS A 60 5.30 -30.17 -12.57
N PRO A 61 6.50 -30.74 -12.58
CA PRO A 61 7.60 -30.17 -13.38
C PRO A 61 7.43 -30.34 -14.88
N GLU A 62 6.31 -30.89 -15.34
CA GLU A 62 6.05 -31.08 -16.75
C GLU A 62 5.30 -29.91 -17.38
N TRP A 63 4.88 -28.92 -16.58
CA TRP A 63 4.17 -27.76 -17.10
C TRP A 63 5.14 -26.82 -17.81
N PRO A 64 4.65 -26.09 -18.81
CA PRO A 64 5.53 -25.21 -19.59
C PRO A 64 6.03 -24.03 -18.74
N ALA A 65 7.04 -23.36 -19.28
CA ALA A 65 7.67 -22.25 -18.57
C ALA A 65 6.76 -21.03 -18.49
N TRP A 66 5.74 -20.94 -19.36
CA TRP A 66 4.84 -19.81 -19.36
C TRP A 66 3.70 -19.93 -18.36
N ILE A 67 3.46 -21.13 -17.81
CA ILE A 67 2.42 -21.29 -16.80
C ILE A 67 2.86 -20.65 -15.48
N ARG A 68 4.14 -20.74 -15.15
CA ARG A 68 4.65 -20.11 -13.94
C ARG A 68 4.84 -18.61 -14.13
N LEU A 69 5.30 -18.21 -15.31
CA LEU A 69 5.49 -16.79 -15.59
C LEU A 69 4.18 -16.04 -15.75
N ALA A 70 3.10 -16.75 -16.06
CA ALA A 70 1.81 -16.10 -16.27
C ALA A 70 0.99 -16.00 -14.99
N ALA A 71 1.02 -17.03 -14.14
CA ALA A 71 0.22 -17.06 -12.92
C ALA A 71 0.98 -16.61 -11.68
N VAL A 72 2.31 -16.74 -11.67
CA VAL A 72 3.09 -16.34 -10.51
C VAL A 72 3.79 -15.02 -10.79
N THR A 73 4.56 -14.97 -11.87
CA THR A 73 5.22 -13.74 -12.24
C THR A 73 4.24 -12.73 -12.84
N GLY A 74 3.16 -13.21 -13.45
CA GLY A 74 2.18 -12.31 -14.03
C GLY A 74 1.08 -11.92 -13.06
N PHE A 75 0.14 -12.82 -12.83
CA PHE A 75 -1.03 -12.48 -12.01
C PHE A 75 -0.62 -12.06 -10.60
N LEU A 76 -0.03 -12.98 -9.84
CA LEU A 76 0.32 -12.67 -8.46
C LEU A 76 1.33 -11.54 -8.36
N GLY A 77 2.21 -11.41 -9.36
CA GLY A 77 3.17 -10.31 -9.35
C GLY A 77 2.51 -8.95 -9.41
N GLY A 78 1.38 -8.84 -10.12
CA GLY A 78 0.66 -7.60 -10.22
C GLY A 78 -0.46 -7.49 -9.20
N LEU A 79 -0.95 -8.63 -8.73
CA LEU A 79 -2.01 -8.62 -7.72
C LEU A 79 -1.51 -8.02 -6.41
N THR A 80 -0.39 -8.52 -5.90
CA THR A 80 0.16 -8.01 -4.66
C THR A 80 1.16 -6.91 -4.94
N THR A 81 1.33 -6.00 -3.97
CA THR A 81 2.26 -4.89 -4.09
C THR A 81 2.96 -4.66 -2.77
N PHE A 82 4.21 -4.20 -2.86
CA PHE A 82 4.94 -3.67 -1.71
C PHE A 82 4.96 -2.15 -1.70
N SER A 83 5.02 -1.53 -2.88
CA SER A 83 5.06 -0.06 -2.95
C SER A 83 3.82 0.56 -2.35
N THR A 84 2.64 0.05 -2.70
CA THR A 84 1.40 0.59 -2.16
C THR A 84 1.29 0.33 -0.65
N PHE A 85 1.94 -0.74 -0.17
CA PHE A 85 1.88 -1.05 1.26
C PHE A 85 2.71 -0.07 2.07
N SER A 86 3.94 0.22 1.63
CA SER A 86 4.78 1.11 2.41
C SER A 86 4.33 2.56 2.29
N ALA A 87 3.79 2.95 1.13
CA ALA A 87 3.18 4.26 1.00
C ALA A 87 2.07 4.45 2.03
N GLU A 88 1.15 3.48 2.10
CA GLU A 88 0.08 3.56 3.09
C GLU A 88 0.65 3.57 4.51
N THR A 89 1.58 2.66 4.80
CA THR A 89 2.15 2.59 6.14
C THR A 89 2.91 3.88 6.47
N VAL A 90 3.73 4.36 5.53
CA VAL A 90 4.46 5.60 5.77
C VAL A 90 3.49 6.76 5.97
N ASP A 91 2.35 6.74 5.30
CA ASP A 91 1.36 7.80 5.49
C ASP A 91 0.78 7.75 6.89
N MET A 92 0.53 6.54 7.42
CA MET A 92 0.05 6.41 8.79
C MET A 92 1.05 7.00 9.77
N LEU A 93 2.34 6.69 9.60
CA LEU A 93 3.37 7.28 10.45
C LEU A 93 3.39 8.80 10.27
N CYS A 94 3.23 9.26 9.04
CA CYS A 94 3.23 10.70 8.77
C CYS A 94 2.18 11.41 9.62
N ARG A 95 0.97 10.85 9.69
CA ARG A 95 -0.10 11.48 10.45
C ARG A 95 -0.04 11.17 11.94
N GLY A 96 0.86 10.28 12.36
CA GLY A 96 1.08 10.02 13.77
C GLY A 96 0.42 8.77 14.32
N VAL A 97 -0.39 8.07 13.52
CA VAL A 97 -1.05 6.86 14.01
C VAL A 97 -0.06 5.71 14.01
N TYR A 98 0.87 5.71 14.97
CA TYR A 98 1.88 4.66 15.03
C TYR A 98 1.27 3.31 15.36
N ALA A 99 0.22 3.29 16.19
CA ALA A 99 -0.41 2.02 16.54
C ALA A 99 -1.03 1.34 15.32
N THR A 100 -1.62 2.14 14.42
CA THR A 100 -2.20 1.57 13.21
C THR A 100 -1.11 1.07 12.26
N ALA A 101 -0.09 1.90 12.02
CA ALA A 101 1.01 1.47 11.17
C ALA A 101 1.62 0.17 11.67
N ALA A 102 1.90 0.09 12.97
CA ALA A 102 2.45 -1.15 13.53
C ALA A 102 1.50 -2.31 13.33
N ALA A 103 0.21 -2.11 13.64
CA ALA A 103 -0.77 -3.17 13.42
C ALA A 103 -0.91 -3.50 11.95
N TYR A 104 -0.75 -2.51 11.07
CA TYR A 104 -0.87 -2.78 9.63
C TYR A 104 0.35 -3.52 9.11
N ALA A 105 1.55 -3.12 9.52
CA ALA A 105 2.75 -3.84 9.10
C ALA A 105 2.70 -5.28 9.59
N GLY A 106 2.40 -5.49 10.86
CA GLY A 106 2.31 -6.85 11.39
C GLY A 106 1.31 -7.70 10.63
N ALA A 107 0.08 -7.18 10.46
CA ALA A 107 -0.94 -7.92 9.74
C ALA A 107 -0.48 -8.29 8.33
N SER A 108 0.22 -7.36 7.66
CA SER A 108 0.67 -7.64 6.30
C SER A 108 1.81 -8.66 6.30
N LEU A 109 2.77 -8.52 7.21
CA LEU A 109 3.93 -9.42 7.20
C LEU A 109 3.55 -10.80 7.72
N ALA A 110 3.06 -10.87 8.96
CA ALA A 110 2.70 -12.16 9.54
C ALA A 110 1.61 -12.85 8.72
N GLY A 111 0.52 -12.13 8.45
CA GLY A 111 -0.59 -12.73 7.73
C GLY A 111 -0.19 -13.25 6.36
N SER A 112 0.67 -12.50 5.66
CA SER A 112 1.13 -12.96 4.35
C SER A 112 1.94 -14.24 4.46
N LEU A 113 2.84 -14.32 5.44
CA LEU A 113 3.61 -15.54 5.64
C LEU A 113 2.72 -16.71 5.99
N ALA A 114 1.79 -16.51 6.94
CA ALA A 114 0.89 -17.58 7.34
C ALA A 114 -0.02 -17.99 6.19
N MET A 115 -0.53 -17.02 5.43
CA MET A 115 -1.37 -17.35 4.28
C MET A 115 -0.58 -18.16 3.26
N THR A 116 0.66 -17.76 3.00
CA THR A 116 1.52 -18.55 2.12
C THR A 116 1.81 -19.92 2.71
N GLY A 117 1.87 -20.01 4.04
CA GLY A 117 2.03 -21.32 4.67
C GLY A 117 0.81 -22.19 4.49
N LEU A 118 -0.38 -21.66 4.82
CA LEU A 118 -1.61 -22.39 4.60
C LEU A 118 -1.83 -22.71 3.13
N GLY A 119 -1.26 -21.92 2.23
CA GLY A 119 -1.35 -22.23 0.81
C GLY A 119 -0.52 -23.43 0.40
N LEU A 120 0.55 -23.71 1.14
CA LEU A 120 1.34 -24.92 0.92
C LEU A 120 0.72 -26.12 1.63
N ALA A 121 0.25 -25.92 2.86
CA ALA A 121 -0.33 -27.01 3.62
C ALA A 121 -1.57 -27.59 2.94
N THR A 122 -2.32 -26.77 2.21
CA THR A 122 -3.52 -27.26 1.55
C THR A 122 -3.17 -28.16 0.36
N VAL A 123 -2.10 -27.83 -0.36
CA VAL A 123 -1.71 -28.65 -1.51
C VAL A 123 -1.12 -29.97 -1.04
N ARG A 124 -0.25 -29.94 -0.03
CA ARG A 124 0.35 -31.18 0.45
C ARG A 124 -0.70 -32.07 1.10
N LEU A 125 -1.68 -31.48 1.80
CA LEU A 125 -2.79 -32.26 2.33
C LEU A 125 -3.69 -32.79 1.22
N LEU A 126 -3.75 -32.07 0.09
CA LEU A 126 -4.60 -32.49 -1.01
C LEU A 126 -4.04 -33.72 -1.73
N LEU A 127 -2.72 -33.84 -1.79
CA LEU A 127 -2.09 -35.01 -2.40
C LEU A 127 -1.99 -36.18 -1.43
N ARG A 128 -2.22 -35.96 -0.14
CA ARG A 128 -2.16 -37.01 0.86
C ARG A 128 -3.39 -36.98 1.76
N MET B 1 -12.01 12.64 -17.18
CA MET B 1 -12.46 11.25 -17.16
C MET B 1 -13.15 10.91 -15.84
N LEU B 2 -13.76 9.74 -15.79
CA LEU B 2 -14.40 9.23 -14.58
C LEU B 2 -13.82 7.86 -14.24
N THR B 3 -14.06 7.43 -13.00
CA THR B 3 -13.53 6.14 -12.56
C THR B 3 -14.11 5.02 -13.41
N TYR B 4 -13.29 4.01 -13.67
CA TYR B 4 -13.66 2.86 -14.49
C TYR B 4 -13.69 3.18 -15.97
N ALA B 5 -12.97 4.21 -16.40
CA ALA B 5 -12.92 4.55 -17.81
C ALA B 5 -12.04 3.55 -18.56
N PRO B 6 -12.36 3.25 -19.82
CA PRO B 6 -11.53 2.32 -20.58
C PRO B 6 -10.07 2.74 -20.69
N LEU B 7 -9.80 4.05 -20.76
CA LEU B 7 -8.43 4.52 -20.82
C LEU B 7 -7.67 4.29 -19.53
N ASN B 8 -8.38 4.06 -18.41
CA ASN B 8 -7.71 3.77 -17.15
C ASN B 8 -7.14 2.36 -17.15
N PHE B 9 -7.94 1.36 -17.52
CA PHE B 9 -7.45 0.00 -17.61
C PHE B 9 -6.23 -0.08 -18.51
N ILE B 10 -6.23 0.67 -19.61
CA ILE B 10 -5.07 0.71 -20.49
C ILE B 10 -3.84 1.18 -19.72
N ALA B 11 -3.95 2.32 -19.05
CA ALA B 11 -2.81 2.87 -18.32
C ALA B 11 -2.35 1.95 -17.20
N ILE B 12 -3.27 1.17 -16.62
CA ILE B 12 -2.88 0.21 -15.60
C ILE B 12 -2.21 -1.01 -16.21
N GLY B 13 -2.82 -1.57 -17.25
CA GLY B 13 -2.24 -2.73 -17.89
C GLY B 13 -0.86 -2.45 -18.45
N ILE B 14 -0.71 -1.35 -19.18
CA ILE B 14 0.60 -1.00 -19.74
C ILE B 14 1.61 -0.82 -18.63
N GLY B 15 1.27 -0.03 -17.61
CA GLY B 15 2.19 0.18 -16.51
C GLY B 15 2.54 -1.11 -15.78
N ALA B 16 1.52 -1.92 -15.47
CA ALA B 16 1.77 -3.17 -14.78
C ALA B 16 2.63 -4.10 -15.62
N THR B 17 2.43 -4.09 -16.94
CA THR B 17 3.21 -4.94 -17.83
C THR B 17 4.69 -4.56 -17.79
N LEU B 18 5.01 -3.31 -18.12
CA LEU B 18 6.39 -2.85 -18.03
C LEU B 18 6.95 -3.03 -16.63
N GLY B 19 6.10 -2.97 -15.61
CA GLY B 19 6.56 -3.18 -14.25
C GLY B 19 6.95 -4.62 -13.97
N ALA B 20 6.19 -5.57 -14.53
CA ALA B 20 6.51 -6.97 -14.31
C ALA B 20 7.72 -7.41 -15.13
N TRP B 21 7.87 -6.86 -16.34
CA TRP B 21 9.05 -7.16 -17.13
C TRP B 21 10.33 -6.73 -16.41
N LEU B 22 10.31 -5.53 -15.82
CA LEU B 22 11.46 -5.09 -15.05
C LEU B 22 11.67 -5.96 -13.82
N ARG B 23 10.57 -6.33 -13.14
CA ARG B 23 10.69 -7.21 -11.98
C ARG B 23 11.15 -8.60 -12.38
N TRP B 24 10.75 -9.07 -13.56
CA TRP B 24 11.12 -10.40 -14.01
C TRP B 24 12.61 -10.49 -14.31
N VAL B 25 13.12 -9.53 -15.08
CA VAL B 25 14.55 -9.53 -15.38
C VAL B 25 15.36 -9.42 -14.10
N LEU B 26 15.03 -8.45 -13.26
CA LEU B 26 15.74 -8.29 -11.98
C LEU B 26 15.78 -9.60 -11.21
N GLY B 27 14.67 -10.33 -11.19
CA GLY B 27 14.62 -11.61 -10.50
C GLY B 27 15.38 -12.74 -11.16
N LEU B 28 15.96 -12.49 -12.33
CA LEU B 28 16.78 -13.46 -13.04
C LEU B 28 18.24 -13.07 -13.11
N LYS B 29 18.52 -11.77 -13.24
CA LYS B 29 19.92 -11.31 -13.34
C LYS B 29 20.60 -11.30 -11.98
N LEU B 30 19.92 -10.81 -10.94
CA LEU B 30 20.53 -10.65 -9.63
C LEU B 30 20.03 -11.63 -8.59
N ASN B 31 18.96 -12.38 -8.87
CA ASN B 31 18.40 -13.29 -7.88
C ASN B 31 19.21 -14.58 -7.85
N GLY B 32 19.63 -14.97 -6.65
CA GLY B 32 20.40 -16.18 -6.48
C GLY B 32 20.04 -16.86 -5.17
N ALA B 33 20.27 -18.17 -5.14
CA ALA B 33 19.98 -18.96 -3.95
C ALA B 33 20.69 -18.37 -2.74
N GLY B 34 20.08 -18.54 -1.57
CA GLY B 34 20.61 -18.02 -0.33
C GLY B 34 20.16 -16.60 0.00
N TRP B 35 19.96 -15.76 -1.02
CA TRP B 35 19.52 -14.39 -0.80
C TRP B 35 18.99 -13.80 -2.10
N PRO B 36 17.70 -13.40 -2.15
CA PRO B 36 17.14 -12.87 -3.39
C PRO B 36 17.39 -11.38 -3.57
N TRP B 37 18.48 -11.03 -4.26
CA TRP B 37 18.76 -9.62 -4.53
C TRP B 37 17.76 -9.03 -5.51
N GLY B 38 17.27 -9.81 -6.46
CA GLY B 38 16.32 -9.28 -7.43
C GLY B 38 15.03 -8.82 -6.80
N THR B 39 14.39 -9.70 -6.03
CA THR B 39 13.14 -9.34 -5.36
C THR B 39 13.33 -8.15 -4.42
N LEU B 40 14.51 -8.02 -3.81
CA LEU B 40 14.73 -6.92 -2.87
C LEU B 40 14.92 -5.61 -3.63
N THR B 41 15.56 -5.66 -4.79
CA THR B 41 15.77 -4.44 -5.57
C THR B 41 14.46 -3.93 -6.17
N ALA B 42 13.62 -4.84 -6.66
CA ALA B 42 12.33 -4.43 -7.19
C ALA B 42 11.50 -3.72 -6.14
N ASN B 43 11.47 -4.27 -4.91
CA ASN B 43 10.67 -3.65 -3.86
C ASN B 43 11.32 -2.36 -3.33
N LEU B 44 12.62 -2.40 -3.08
CA LEU B 44 13.30 -1.20 -2.57
C LEU B 44 13.24 -0.07 -3.59
N VAL B 45 13.56 -0.36 -4.85
CA VAL B 45 13.47 0.66 -5.89
C VAL B 45 12.05 1.15 -6.02
N GLY B 46 11.09 0.22 -6.05
CA GLY B 46 9.69 0.61 -6.14
C GLY B 46 9.24 1.40 -4.93
N GLY B 47 9.62 0.97 -3.73
CA GLY B 47 9.26 1.70 -2.53
C GLY B 47 9.76 3.13 -2.55
N TYR B 48 10.97 3.34 -3.09
CA TYR B 48 11.50 4.69 -3.19
C TYR B 48 10.73 5.51 -4.23
N LEU B 49 10.37 4.88 -5.35
CA LEU B 49 9.74 5.62 -6.43
C LEU B 49 8.31 6.01 -6.10
N ILE B 50 7.58 5.13 -5.40
CA ILE B 50 6.22 5.50 -5.00
C ILE B 50 6.25 6.69 -4.06
N GLY B 51 7.25 6.74 -3.17
CA GLY B 51 7.44 7.93 -2.37
C GLY B 51 7.64 9.16 -3.22
N VAL B 52 8.33 9.02 -4.34
CA VAL B 52 8.52 10.13 -5.26
C VAL B 52 7.22 10.47 -5.97
N MET B 53 6.55 9.45 -6.52
CA MET B 53 5.30 9.69 -7.24
C MET B 53 4.25 10.30 -6.33
N VAL B 54 4.10 9.78 -5.10
CA VAL B 54 3.09 10.31 -4.20
C VAL B 54 3.38 11.78 -3.90
N ALA B 55 4.65 12.15 -3.73
CA ALA B 55 4.99 13.54 -3.47
C ALA B 55 4.71 14.41 -4.69
N LEU B 56 5.01 13.91 -5.89
CA LEU B 56 4.77 14.69 -7.10
C LEU B 56 3.29 14.94 -7.31
N ILE B 57 2.48 13.87 -7.24
CA ILE B 57 1.04 14.02 -7.47
C ILE B 57 0.42 14.96 -6.44
N ALA B 58 0.89 14.89 -5.19
CA ALA B 58 0.32 15.74 -4.15
C ALA B 58 0.57 17.22 -4.43
N SER B 59 1.71 17.55 -5.04
CA SER B 59 2.04 18.93 -5.34
C SER B 59 1.71 19.33 -6.78
N HIS B 60 1.06 18.45 -7.54
CA HIS B 60 0.67 18.74 -8.92
C HIS B 60 -0.75 18.23 -9.14
N PRO B 61 -1.74 18.88 -8.53
CA PRO B 61 -3.14 18.46 -8.74
C PRO B 61 -3.58 18.55 -10.19
N GLU B 62 -2.90 19.37 -11.00
CA GLU B 62 -3.32 19.57 -12.38
C GLU B 62 -3.10 18.32 -13.23
N TRP B 63 -2.10 17.51 -12.91
CA TRP B 63 -1.79 16.37 -13.74
C TRP B 63 -3.02 15.47 -13.91
N PRO B 64 -3.20 14.87 -15.08
CA PRO B 64 -4.33 13.94 -15.26
C PRO B 64 -4.21 12.74 -14.33
N ALA B 65 -5.37 12.11 -14.09
CA ALA B 65 -5.42 10.98 -13.17
C ALA B 65 -4.69 9.75 -13.70
N TRP B 66 -4.41 9.68 -15.00
CA TRP B 66 -3.78 8.49 -15.54
C TRP B 66 -2.29 8.40 -15.22
N ILE B 67 -1.66 9.53 -14.88
CA ILE B 67 -0.28 9.46 -14.39
C ILE B 67 -0.21 8.66 -13.10
N ARG B 68 -1.25 8.76 -12.26
CA ARG B 68 -1.28 7.99 -11.02
CA ARG B 68 -1.28 7.99 -11.02
C ARG B 68 -1.59 6.53 -11.29
N LEU B 69 -2.55 6.25 -12.17
CA LEU B 69 -2.92 4.87 -12.46
C LEU B 69 -1.82 4.15 -13.23
N ALA B 70 -1.12 4.87 -14.11
CA ALA B 70 -0.05 4.24 -14.89
C ALA B 70 1.22 4.09 -14.07
N ALA B 71 1.64 5.18 -13.41
CA ALA B 71 2.94 5.18 -12.73
C ALA B 71 2.88 4.43 -11.40
N VAL B 72 1.79 4.56 -10.65
CA VAL B 72 1.70 3.97 -9.33
C VAL B 72 0.94 2.65 -9.40
N THR B 73 -0.37 2.73 -9.69
CA THR B 73 -1.18 1.52 -9.76
C THR B 73 -0.67 0.58 -10.85
N GLY B 74 -0.10 1.11 -11.93
CA GLY B 74 0.42 0.28 -12.99
C GLY B 74 1.85 -0.15 -12.78
N PHE B 75 2.80 0.73 -13.11
CA PHE B 75 4.22 0.41 -13.07
C PHE B 75 4.65 -0.09 -11.69
N LEU B 76 4.59 0.79 -10.69
CA LEU B 76 5.02 0.40 -9.35
C LEU B 76 4.18 -0.75 -8.79
N GLY B 77 2.99 -0.97 -9.33
CA GLY B 77 2.18 -2.10 -8.90
C GLY B 77 2.62 -3.42 -9.48
N GLY B 78 3.35 -3.40 -10.60
CA GLY B 78 3.89 -4.62 -11.18
C GLY B 78 5.35 -4.79 -10.85
N LEU B 79 6.00 -3.69 -10.46
CA LEU B 79 7.41 -3.76 -10.07
C LEU B 79 7.57 -4.39 -8.70
N THR B 80 6.91 -3.83 -7.70
CA THR B 80 6.99 -4.40 -6.36
C THR B 80 6.17 -5.69 -6.29
N THR B 81 6.33 -6.42 -5.19
CA THR B 81 5.60 -7.67 -5.03
C THR B 81 5.66 -8.16 -3.58
N PHE B 82 4.50 -8.52 -3.04
CA PHE B 82 4.43 -9.15 -1.72
C PHE B 82 4.39 -10.67 -1.82
N SER B 83 3.79 -11.21 -2.89
CA SER B 83 3.65 -12.65 -3.02
C SER B 83 5.00 -13.34 -3.05
N THR B 84 5.82 -13.04 -4.06
CA THR B 84 7.11 -13.71 -4.19
C THR B 84 7.96 -13.52 -2.93
N PHE B 85 7.90 -12.34 -2.33
CA PHE B 85 8.62 -12.11 -1.08
C PHE B 85 8.14 -13.08 0.00
N SER B 86 6.82 -13.22 0.15
CA SER B 86 6.29 -14.12 1.18
C SER B 86 6.76 -15.55 0.95
N ALA B 87 6.81 -15.98 -0.32
CA ALA B 87 7.26 -17.34 -0.62
C ALA B 87 8.73 -17.51 -0.29
N GLU B 88 9.57 -16.58 -0.76
CA GLU B 88 11.00 -16.65 -0.46
C GLU B 88 11.25 -16.65 1.04
N THR B 89 10.49 -15.85 1.79
CA THR B 89 10.68 -15.82 3.23
C THR B 89 10.23 -17.11 3.90
N VAL B 90 9.18 -17.75 3.37
CA VAL B 90 8.72 -19.01 3.94
C VAL B 90 9.66 -20.15 3.56
N ASP B 91 10.35 -20.04 2.42
CA ASP B 91 11.38 -21.01 2.08
C ASP B 91 12.53 -20.94 3.07
N MET B 92 13.00 -19.73 3.38
CA MET B 92 14.07 -19.57 4.35
C MET B 92 13.69 -20.16 5.70
N LEU B 93 12.43 -20.02 6.09
CA LEU B 93 11.99 -20.55 7.38
C LEU B 93 11.98 -22.07 7.38
N CYS B 94 11.43 -22.69 6.32
CA CYS B 94 11.41 -24.14 6.25
C CYS B 94 12.81 -24.71 6.01
N ARG B 95 13.69 -23.94 5.37
CA ARG B 95 15.07 -24.34 5.18
C ARG B 95 15.94 -24.07 6.41
N GLY B 96 15.33 -23.79 7.56
CA GLY B 96 16.05 -23.68 8.80
C GLY B 96 16.69 -22.34 9.09
N VAL B 97 17.28 -21.71 8.07
CA VAL B 97 18.04 -20.48 8.26
C VAL B 97 17.13 -19.35 8.73
N TYR B 98 16.74 -19.40 10.01
CA TYR B 98 15.86 -18.36 10.55
C TYR B 98 16.54 -17.00 10.57
N ALA B 99 17.86 -16.97 10.73
CA ALA B 99 18.57 -15.70 10.81
C ALA B 99 18.38 -14.88 9.53
N THR B 100 18.59 -15.51 8.37
CA THR B 100 18.43 -14.79 7.11
C THR B 100 16.97 -14.47 6.83
N ALA B 101 16.05 -15.29 7.35
CA ALA B 101 14.62 -15.00 7.20
C ALA B 101 14.29 -13.67 7.85
N ALA B 102 14.61 -13.53 9.14
CA ALA B 102 14.41 -12.24 9.82
C ALA B 102 15.16 -11.13 9.11
N ALA B 103 16.40 -11.40 8.71
CA ALA B 103 17.18 -10.38 8.00
C ALA B 103 16.51 -9.97 6.69
N TYR B 104 15.68 -10.85 6.11
CA TYR B 104 15.03 -10.52 4.84
C TYR B 104 13.75 -9.73 5.08
N ALA B 105 12.88 -10.21 5.95
CA ALA B 105 11.65 -9.48 6.25
C ALA B 105 11.96 -8.06 6.71
N GLY B 106 12.89 -7.93 7.66
CA GLY B 106 13.25 -6.61 8.14
C GLY B 106 13.93 -5.75 7.08
N ALA B 107 14.75 -6.37 6.23
CA ALA B 107 15.45 -5.61 5.20
C ALA B 107 14.48 -5.04 4.18
N SER B 108 13.54 -5.86 3.72
CA SER B 108 12.58 -5.41 2.71
C SER B 108 11.37 -4.70 3.30
N LEU B 109 11.03 -4.96 4.56
CA LEU B 109 9.96 -4.21 5.22
C LEU B 109 10.46 -2.82 5.62
N ALA B 110 11.41 -2.78 6.56
CA ALA B 110 11.97 -1.48 6.97
C ALA B 110 12.70 -0.81 5.81
N GLY B 111 13.24 -1.60 4.89
CA GLY B 111 13.89 -1.00 3.72
C GLY B 111 12.91 -0.24 2.85
N SER B 112 11.74 -0.84 2.60
CA SER B 112 10.73 -0.19 1.77
C SER B 112 10.23 1.09 2.42
N LEU B 113 9.85 1.02 3.69
CA LEU B 113 9.38 2.20 4.40
C LEU B 113 10.41 3.32 4.34
N ALA B 114 11.66 3.01 4.67
CA ALA B 114 12.71 4.01 4.62
C ALA B 114 12.87 4.58 3.21
N MET B 115 12.87 3.70 2.20
CA MET B 115 12.99 4.16 0.83
C MET B 115 11.83 5.06 0.44
N THR B 116 10.62 4.71 0.87
CA THR B 116 9.48 5.60 0.64
C THR B 116 9.69 6.95 1.29
N GLY B 117 10.21 6.96 2.52
CA GLY B 117 10.53 8.21 3.17
C GLY B 117 11.53 9.04 2.38
N LEU B 118 12.57 8.39 1.85
CA LEU B 118 13.54 9.11 1.04
C LEU B 118 12.90 9.65 -0.24
N GLY B 119 12.10 8.84 -0.92
CA GLY B 119 11.37 9.33 -2.08
C GLY B 119 10.55 10.57 -1.76
N LEU B 120 9.81 10.53 -0.65
CA LEU B 120 9.10 11.73 -0.21
C LEU B 120 10.06 12.87 0.08
N ALA B 121 11.19 12.56 0.73
CA ALA B 121 12.16 13.60 1.05
C ALA B 121 12.84 14.15 -0.21
N THR B 122 13.14 13.28 -1.17
CA THR B 122 13.77 13.73 -2.40
C THR B 122 12.95 14.81 -3.08
N VAL B 123 11.66 14.57 -3.27
CA VAL B 123 10.80 15.56 -3.91
C VAL B 123 10.68 16.80 -3.04
N ARG B 124 10.32 16.62 -1.76
CA ARG B 124 10.22 17.74 -0.84
C ARG B 124 11.49 18.58 -0.83
N LEU B 125 12.62 17.97 -1.19
CA LEU B 125 13.91 18.65 -1.15
C LEU B 125 14.07 19.63 -2.31
N LEU B 126 13.64 19.24 -3.51
CA LEU B 126 13.91 20.00 -4.72
C LEU B 126 12.81 21.01 -5.06
N LEU B 127 11.54 20.65 -4.85
CA LEU B 127 10.46 21.55 -5.21
C LEU B 127 10.50 22.84 -4.38
N ARG B 128 10.88 22.73 -3.12
CA ARG B 128 10.95 23.89 -2.23
C ARG B 128 12.25 24.67 -2.44
N SER C 1 -3.54 29.00 3.29
CA SER C 1 -4.73 28.47 2.64
C SER C 1 -4.84 26.96 2.84
N SER C 2 -5.59 26.55 3.86
CA SER C 2 -5.77 25.16 4.21
C SER C 2 -7.20 24.72 3.95
N VAL C 3 -7.44 23.41 4.11
CA VAL C 3 -8.75 22.82 3.88
C VAL C 3 -8.94 21.66 4.86
N PRO C 4 -9.90 21.74 5.79
CA PRO C 4 -10.81 22.87 5.98
C PRO C 4 -10.19 24.03 6.74
N THR C 5 -11.03 24.93 7.27
CA THR C 5 -10.56 26.12 7.96
C THR C 5 -11.45 26.39 9.16
N LYS C 6 -10.99 27.31 10.01
CA LYS C 6 -11.71 27.71 11.22
C LYS C 6 -12.16 26.50 12.02
N LEU C 7 -11.20 25.61 12.29
CA LEU C 7 -11.45 24.47 13.17
C LEU C 7 -11.40 24.90 14.62
N GLU C 8 -12.31 24.37 15.42
CA GLU C 8 -12.44 24.80 16.80
C GLU C 8 -13.25 23.79 17.58
N VAL C 9 -13.13 23.87 18.90
CA VAL C 9 -13.95 23.09 19.81
C VAL C 9 -15.17 23.92 20.18
N VAL C 10 -16.35 23.43 19.87
CA VAL C 10 -17.58 24.16 20.14
C VAL C 10 -18.18 23.74 21.49
N ALA C 11 -18.23 22.43 21.73
CA ALA C 11 -18.72 21.89 22.99
C ALA C 11 -17.67 20.95 23.57
N ALA C 12 -17.40 21.08 24.86
CA ALA C 12 -16.35 20.32 25.52
C ALA C 12 -16.84 19.81 26.87
N THR C 13 -16.45 18.58 27.19
CA THR C 13 -16.71 17.98 28.50
C THR C 13 -15.40 17.40 29.02
N PRO C 14 -15.41 16.74 30.19
CA PRO C 14 -14.17 16.13 30.67
C PRO C 14 -13.70 14.96 29.85
N THR C 15 -14.57 14.33 29.05
CA THR C 15 -14.21 13.12 28.31
C THR C 15 -14.68 13.15 26.85
N SER C 16 -15.19 14.27 26.37
CA SER C 16 -15.67 14.36 25.00
C SER C 16 -15.45 15.76 24.46
N LEU C 17 -15.35 15.86 23.14
CA LEU C 17 -15.20 17.14 22.45
C LEU C 17 -16.07 17.13 21.20
N LEU C 18 -16.60 18.31 20.87
CA LEU C 18 -17.36 18.52 19.64
C LEU C 18 -16.64 19.59 18.83
N ILE C 19 -16.01 19.19 17.74
CA ILE C 19 -15.23 20.09 16.91
C ILE C 19 -16.05 20.51 15.71
N SER C 20 -15.78 21.72 15.23
CA SER C 20 -16.46 22.27 14.06
C SER C 20 -15.41 22.94 13.17
N TRP C 21 -15.68 22.92 11.87
CA TRP C 21 -14.80 23.56 10.90
C TRP C 21 -15.64 24.15 9.78
N ASP C 22 -14.99 24.95 8.93
CA ASP C 22 -15.64 25.54 7.77
C ASP C 22 -15.41 24.63 6.57
N ALA C 23 -16.45 23.94 6.15
CA ALA C 23 -16.37 23.17 4.91
C ALA C 23 -16.28 24.13 3.74
N PRO C 24 -15.35 23.94 2.82
CA PRO C 24 -15.28 24.82 1.65
C PRO C 24 -16.57 24.77 0.84
N ALA C 25 -16.81 25.85 0.09
CA ALA C 25 -18.03 25.92 -0.72
C ALA C 25 -18.14 24.75 -1.67
N VAL C 26 -17.00 24.22 -2.13
CA VAL C 26 -16.96 23.06 -3.00
C VAL C 26 -16.75 21.82 -2.14
N THR C 27 -17.73 20.93 -2.12
CA THR C 27 -17.67 19.75 -1.26
C THR C 27 -16.46 18.88 -1.60
N VAL C 28 -15.82 18.35 -0.56
CA VAL C 28 -14.76 17.36 -0.72
C VAL C 28 -15.38 15.97 -0.59
N ASP C 29 -14.58 14.93 -0.84
CA ASP C 29 -15.12 13.58 -0.75
C ASP C 29 -15.32 13.15 0.70
N HIS C 30 -14.32 13.38 1.55
CA HIS C 30 -14.43 13.07 2.97
C HIS C 30 -13.26 13.72 3.70
N TYR C 31 -13.39 13.80 5.01
CA TYR C 31 -12.33 14.28 5.89
C TYR C 31 -11.77 13.12 6.71
N VAL C 32 -10.55 13.31 7.20
CA VAL C 32 -9.89 12.34 8.07
C VAL C 32 -9.41 13.07 9.31
N ILE C 33 -9.97 12.71 10.46
CA ILE C 33 -9.62 13.33 11.74
C ILE C 33 -8.66 12.40 12.47
N THR C 34 -7.50 12.93 12.87
CA THR C 34 -6.55 12.22 13.71
C THR C 34 -6.38 13.01 14.99
N TYR C 35 -6.45 12.31 16.13
CA TYR C 35 -6.37 12.97 17.42
C TYR C 35 -5.62 12.07 18.39
N GLY C 36 -5.10 12.68 19.44
CA GLY C 36 -4.40 11.94 20.47
C GLY C 36 -3.61 12.87 21.35
N GLU C 37 -3.09 12.28 22.43
CA GLU C 37 -2.27 13.04 23.38
C GLU C 37 -1.05 13.63 22.66
N THR C 38 -0.95 14.95 22.69
CA THR C 38 0.09 15.67 21.97
C THR C 38 1.46 15.05 22.19
N GLY C 39 2.01 14.40 21.16
CA GLY C 39 3.32 13.79 21.24
C GLY C 39 3.27 12.29 21.37
N ALA C 40 2.28 11.77 22.07
CA ALA C 40 2.12 10.34 22.30
C ALA C 40 1.47 9.71 21.08
N TYR C 41 2.30 9.40 20.09
CA TYR C 41 1.78 8.92 18.80
C TYR C 41 1.24 7.50 18.88
N TRP C 42 1.61 6.73 19.91
CA TRP C 42 0.98 5.43 20.09
C TRP C 42 -0.44 5.53 20.61
N SER C 43 -0.92 6.74 20.90
CA SER C 43 -2.29 6.96 21.30
C SER C 43 -3.14 7.59 20.20
N TYR C 44 -2.52 8.07 19.13
CA TYR C 44 -3.25 8.72 18.06
C TYR C 44 -4.28 7.78 17.45
N GLN C 45 -5.50 8.28 17.28
CA GLN C 45 -6.58 7.58 16.60
C GLN C 45 -7.03 8.42 15.41
N GLU C 46 -7.85 7.81 14.55
CA GLU C 46 -8.32 8.51 13.36
C GLU C 46 -9.66 7.93 12.92
N PHE C 47 -10.52 8.81 12.41
CA PHE C 47 -11.78 8.41 11.79
C PHE C 47 -12.05 9.35 10.62
N THR C 48 -13.03 8.98 9.81
CA THR C 48 -13.36 9.72 8.60
C THR C 48 -14.81 10.18 8.65
N VAL C 49 -15.03 11.45 8.32
CA VAL C 49 -16.39 11.99 8.22
C VAL C 49 -16.64 12.32 6.76
N PRO C 50 -17.87 12.23 6.28
CA PRO C 50 -18.15 12.53 4.87
C PRO C 50 -17.92 14.00 4.56
N GLY C 51 -17.79 14.28 3.27
CA GLY C 51 -17.55 15.65 2.84
C GLY C 51 -18.68 16.60 3.17
N SER C 52 -19.90 16.09 3.22
CA SER C 52 -21.05 16.93 3.55
C SER C 52 -21.01 17.41 4.99
N LYS C 53 -20.40 16.62 5.88
CA LYS C 53 -20.33 16.97 7.29
C LYS C 53 -19.29 18.06 7.53
N SER C 54 -19.59 18.92 8.51
CA SER C 54 -18.66 19.98 8.91
C SER C 54 -18.40 19.98 10.42
N THR C 55 -18.90 18.99 11.14
CA THR C 55 -18.66 18.85 12.57
C THR C 55 -18.38 17.39 12.89
N ALA C 56 -17.65 17.16 13.98
CA ALA C 56 -17.33 15.82 14.41
C ALA C 56 -17.23 15.80 15.94
N THR C 57 -17.47 14.63 16.52
CA THR C 57 -17.42 14.46 17.96
C THR C 57 -16.32 13.48 18.32
N ILE C 58 -15.51 13.83 19.32
CA ILE C 58 -14.38 13.03 19.76
C ILE C 58 -14.61 12.68 21.22
N SER C 59 -14.85 11.40 21.49
CA SER C 59 -15.15 10.92 22.83
C SER C 59 -14.09 9.93 23.29
N GLY C 60 -14.18 9.55 24.56
CA GLY C 60 -13.21 8.64 25.14
C GLY C 60 -11.86 9.26 25.42
N LEU C 61 -11.85 10.48 25.96
CA LEU C 61 -10.62 11.21 26.22
C LEU C 61 -10.33 11.25 27.72
N LYS C 62 -9.07 11.52 28.04
CA LYS C 62 -8.57 11.58 29.41
C LYS C 62 -8.51 13.02 29.89
N PRO C 63 -8.98 13.29 31.10
CA PRO C 63 -9.00 14.67 31.60
C PRO C 63 -7.60 15.24 31.76
N GLY C 64 -7.53 16.57 31.66
CA GLY C 64 -6.31 17.30 31.95
C GLY C 64 -5.19 17.07 30.97
N VAL C 65 -5.44 16.24 29.97
CA VAL C 65 -4.45 15.91 28.95
C VAL C 65 -4.57 16.86 27.78
N ASP C 66 -3.44 17.20 27.18
CA ASP C 66 -3.40 18.09 26.04
C ASP C 66 -3.44 17.26 24.76
N TYR C 67 -4.48 17.47 23.94
CA TYR C 67 -4.69 16.72 22.72
C TYR C 67 -4.40 17.59 21.51
N THR C 68 -4.06 16.94 20.39
CA THR C 68 -3.92 17.59 19.10
C THR C 68 -4.93 16.99 18.15
N ILE C 69 -5.75 17.85 17.53
CA ILE C 69 -6.80 17.44 16.61
C ILE C 69 -6.48 17.99 15.24
N THR C 70 -6.32 17.10 14.26
CA THR C 70 -5.96 17.46 12.90
C THR C 70 -7.02 16.91 11.95
N VAL C 71 -7.47 17.74 11.02
CA VAL C 71 -8.49 17.36 10.05
C VAL C 71 -7.87 17.42 8.66
N TYR C 72 -7.86 16.29 7.96
CA TYR C 72 -7.36 16.19 6.60
C TYR C 72 -8.52 16.08 5.63
N ALA C 73 -8.46 16.83 4.53
CA ALA C 73 -9.48 16.79 3.50
C ALA C 73 -8.99 15.99 2.30
N ASN C 74 -9.85 15.12 1.78
CA ASN C 74 -9.52 14.32 0.61
C ASN C 74 -10.43 14.73 -0.54
N PRO C 75 -9.90 15.38 -1.57
CA PRO C 75 -10.73 15.75 -2.72
C PRO C 75 -11.02 14.59 -3.65
N TYR C 76 -10.29 13.49 -3.53
CA TYR C 76 -10.42 12.37 -4.45
C TYR C 76 -11.58 11.46 -4.03
N SER C 77 -12.28 10.92 -5.03
CA SER C 77 -13.28 9.90 -4.81
C SER C 77 -12.74 8.49 -5.00
N ASP C 78 -11.48 8.36 -5.45
CA ASP C 78 -10.93 7.05 -5.77
C ASP C 78 -9.43 6.98 -5.53
N ALA C 79 -8.91 7.81 -4.63
CA ALA C 79 -7.50 7.81 -4.29
C ALA C 79 -7.36 8.04 -2.79
N PRO C 80 -6.41 7.35 -2.14
CA PRO C 80 -6.22 7.55 -0.69
C PRO C 80 -5.83 8.98 -0.37
N ILE C 81 -5.68 9.29 0.92
CA ILE C 81 -5.50 10.68 1.31
C ILE C 81 -4.07 11.18 1.10
N TYR C 82 -3.08 10.30 1.03
CA TYR C 82 -1.73 10.80 0.85
C TYR C 82 -1.49 11.40 -0.53
N TYR C 83 -2.45 11.29 -1.44
CA TYR C 83 -2.40 12.01 -2.70
C TYR C 83 -3.04 13.40 -2.61
N SER C 84 -3.58 13.76 -1.46
CA SER C 84 -4.28 15.03 -1.33
C SER C 84 -3.31 16.20 -1.45
N TYR C 85 -3.83 17.32 -1.97
CA TYR C 85 -3.08 18.55 -2.12
C TYR C 85 -3.56 19.63 -1.14
N HIS C 86 -4.29 19.24 -0.11
CA HIS C 86 -4.80 20.17 0.89
C HIS C 86 -3.96 20.05 2.15
N SER C 87 -3.46 21.18 2.62
CA SER C 87 -2.78 21.20 3.90
C SER C 87 -3.82 21.05 5.01
N PRO C 88 -3.61 20.14 5.97
CA PRO C 88 -4.60 19.99 7.04
C PRO C 88 -4.58 21.17 7.99
N ILE C 89 -5.66 21.29 8.75
CA ILE C 89 -5.76 22.26 9.83
C ILE C 89 -5.78 21.49 11.14
N SER C 90 -5.10 22.03 12.15
CA SER C 90 -4.91 21.34 13.42
C SER C 90 -5.11 22.32 14.57
N ILE C 91 -5.68 21.81 15.67
CA ILE C 91 -5.88 22.58 16.89
C ILE C 91 -5.44 21.73 18.08
N ASN C 92 -5.48 22.33 19.26
CA ASN C 92 -5.07 21.66 20.49
C ASN C 92 -6.04 22.03 21.61
N TYR C 93 -6.61 21.03 22.25
CA TYR C 93 -7.54 21.25 23.34
C TYR C 93 -7.10 20.45 24.56
N ARG C 94 -7.14 21.08 25.72
CA ARG C 94 -6.76 20.45 26.98
C ARG C 94 -8.01 20.03 27.75
N THR C 95 -7.97 18.82 28.31
CA THR C 95 -9.09 18.24 29.03
C THR C 95 -10.12 17.67 28.07
#